data_1J3R
#
_entry.id   1J3R
#
_cell.length_a   40.670
_cell.length_b   80.230
_cell.length_c   130.040
_cell.angle_alpha   90.00
_cell.angle_beta   90.00
_cell.angle_gamma   90.00
#
_symmetry.space_group_name_H-M   'P 21 21 21'
#
loop_
_entity.id
_entity.type
_entity.pdbx_description
1 polymer 'Phosphoglucose Isomerase'
2 non-polymer '6-PHOSPHOGLUCONIC ACID'
3 non-polymer 'FE (III) ION'
4 water water
#
_entity_poly.entity_id   1
_entity_poly.type   'polypeptide(L)'
_entity_poly.pdbx_seq_one_letter_code
;MKYKEPFGVKLDFETGIIENAKKSVRRLSDMKGYFIDEEAWKKMVEEGDPVVYEVYAIEQEEKEGDLNFATTVLYPGKVG
NEFFMTKGHYHSKIDRAEVYFALKGKGGMLLQTPEGEARFIEMEPGTIVYVPPYWAHRTINTGDKPFIFLALYPADAGHD
YGTIAEKGFSKIVVEENGKVVVKDNPKWRM
;
_entity_poly.pdbx_strand_id   A,B
#
# COMPACT_ATOMS: atom_id res chain seq x y z
N MET A 1 -14.29 0.77 -24.50
CA MET A 1 -14.84 1.24 -23.19
C MET A 1 -14.20 2.55 -22.76
N LYS A 2 -14.83 3.22 -21.80
CA LYS A 2 -14.32 4.48 -21.28
C LYS A 2 -13.62 4.14 -19.97
N TYR A 3 -12.30 4.35 -19.93
CA TYR A 3 -11.49 4.04 -18.76
C TYR A 3 -11.53 5.08 -17.65
N LYS A 4 -11.16 4.65 -16.45
CA LYS A 4 -11.09 5.56 -15.31
C LYS A 4 -9.74 6.23 -15.38
N GLU A 5 -9.69 7.48 -14.93
CA GLU A 5 -8.44 8.23 -14.96
C GLU A 5 -7.54 7.95 -13.76
N PRO A 6 -6.23 7.80 -14.01
CA PRO A 6 -5.35 7.56 -12.88
C PRO A 6 -5.18 8.87 -12.13
N PHE A 7 -4.63 8.84 -10.93
CA PHE A 7 -4.43 10.08 -10.18
C PHE A 7 -3.43 9.93 -9.05
N GLY A 8 -2.89 11.06 -8.61
CA GLY A 8 -1.96 11.07 -7.52
C GLY A 8 -2.57 11.92 -6.42
N VAL A 9 -2.46 11.45 -5.17
CA VAL A 9 -2.97 12.20 -4.04
C VAL A 9 -1.89 12.20 -2.98
N LYS A 10 -1.78 13.30 -2.24
CA LYS A 10 -0.75 13.42 -1.21
C LYS A 10 -1.13 12.91 0.16
N LEU A 11 -0.24 12.13 0.75
CA LEU A 11 -0.43 11.60 2.09
C LEU A 11 0.58 12.33 2.96
N ASP A 12 0.10 12.95 4.03
CA ASP A 12 0.96 13.68 4.94
C ASP A 12 1.50 12.72 5.99
N PHE A 13 2.77 12.38 5.90
CA PHE A 13 3.41 11.45 6.86
C PHE A 13 3.23 11.83 8.32
N GLU A 14 3.11 13.12 8.60
CA GLU A 14 2.98 13.57 9.98
C GLU A 14 1.56 13.54 10.53
N THR A 15 0.60 13.89 9.69
CA THR A 15 -0.80 13.91 10.12
C THR A 15 -1.59 12.66 9.74
N GLY A 16 -1.11 11.93 8.74
CA GLY A 16 -1.81 10.74 8.31
C GLY A 16 -2.96 11.10 7.39
N ILE A 17 -3.09 12.39 7.06
CA ILE A 17 -4.17 12.85 6.21
C ILE A 17 -3.90 12.69 4.71
N ILE A 18 -4.91 12.20 3.99
CA ILE A 18 -4.81 12.01 2.54
C ILE A 18 -5.72 13.04 1.89
N GLU A 19 -5.14 13.89 1.05
CA GLU A 19 -5.90 14.94 0.37
C GLU A 19 -7.02 14.38 -0.49
N ASN A 20 -8.19 15.02 -0.41
CA ASN A 20 -9.35 14.61 -1.20
C ASN A 20 -9.98 13.28 -0.79
N ALA A 21 -9.60 12.76 0.37
CA ALA A 21 -10.14 11.49 0.83
C ALA A 21 -11.42 11.68 1.63
N LYS A 22 -12.19 10.61 1.80
CA LYS A 22 -13.42 10.64 2.57
C LYS A 22 -13.07 10.41 4.04
N LYS A 23 -13.44 11.37 4.89
CA LYS A 23 -13.12 11.29 6.32
C LYS A 23 -14.24 10.68 7.16
N SER A 24 -13.85 9.81 8.08
CA SER A 24 -14.78 9.16 9.00
C SER A 24 -14.20 9.30 10.41
N VAL A 25 -15.09 9.48 11.38
CA VAL A 25 -14.66 9.62 12.77
C VAL A 25 -15.38 8.63 13.66
N ARG A 26 -14.64 8.03 14.58
CA ARG A 26 -15.20 7.07 15.52
C ARG A 26 -14.85 7.50 16.94
N ARG A 27 -15.86 7.89 17.69
CA ARG A 27 -15.68 8.29 19.08
C ARG A 27 -15.97 7.08 19.96
N LEU A 28 -15.66 7.21 21.25
CA LEU A 28 -15.89 6.12 22.19
C LEU A 28 -17.37 5.74 22.18
N SER A 29 -18.25 6.73 22.01
CA SER A 29 -19.68 6.46 21.98
C SER A 29 -20.08 5.64 20.76
N ASP A 30 -19.18 5.54 19.79
CA ASP A 30 -19.44 4.76 18.59
C ASP A 30 -19.00 3.33 18.76
N MET A 31 -18.36 3.04 19.90
CA MET A 31 -17.87 1.70 20.19
C MET A 31 -18.47 1.09 21.45
N LYS A 32 -19.77 1.28 21.64
CA LYS A 32 -20.45 0.74 22.80
C LYS A 32 -20.42 -0.78 22.72
N GLY A 33 -20.00 -1.41 23.82
CA GLY A 33 -19.94 -2.86 23.84
C GLY A 33 -18.69 -3.46 23.21
N TYR A 34 -17.65 -2.65 23.05
CA TYR A 34 -16.42 -3.14 22.47
C TYR A 34 -15.35 -3.36 23.52
N PHE A 35 -15.35 -2.52 24.55
CA PHE A 35 -14.36 -2.60 25.62
C PHE A 35 -14.88 -3.40 26.80
N ILE A 36 -13.97 -4.09 27.48
CA ILE A 36 -14.34 -4.91 28.61
C ILE A 36 -14.82 -4.12 29.84
N ASP A 37 -14.14 -3.02 30.16
CA ASP A 37 -14.54 -2.23 31.31
C ASP A 37 -15.64 -1.25 30.91
N GLU A 38 -16.88 -1.72 30.87
CA GLU A 38 -18.00 -0.89 30.46
C GLU A 38 -18.24 0.30 31.39
N GLU A 39 -17.86 0.18 32.65
CA GLU A 39 -18.02 1.29 33.59
C GLU A 39 -17.02 2.39 33.25
N ALA A 40 -15.79 1.99 32.92
CA ALA A 40 -14.76 2.95 32.56
C ALA A 40 -15.14 3.58 31.22
N TRP A 41 -15.83 2.81 30.39
CA TRP A 41 -16.28 3.28 29.09
C TRP A 41 -17.31 4.39 29.29
N LYS A 42 -18.30 4.12 30.13
CA LYS A 42 -19.36 5.08 30.42
C LYS A 42 -18.82 6.41 30.97
N LYS A 43 -17.91 6.30 31.92
CA LYS A 43 -17.31 7.47 32.55
C LYS A 43 -16.56 8.34 31.55
N MET A 44 -15.82 7.70 30.64
CA MET A 44 -15.06 8.44 29.65
C MET A 44 -15.94 9.10 28.61
N VAL A 45 -17.10 8.50 28.34
CA VAL A 45 -18.02 9.09 27.37
C VAL A 45 -18.59 10.39 27.92
N GLU A 46 -19.05 10.34 29.17
CA GLU A 46 -19.61 11.52 29.82
C GLU A 46 -18.55 12.59 30.05
N GLU A 47 -17.31 12.17 30.26
CA GLU A 47 -16.22 13.11 30.50
C GLU A 47 -15.76 13.85 29.24
N GLY A 48 -16.19 13.40 28.07
CA GLY A 48 -15.77 14.06 26.85
C GLY A 48 -15.97 13.25 25.58
N ASP A 49 -16.23 11.95 25.72
CA ASP A 49 -16.43 11.08 24.57
C ASP A 49 -15.36 11.35 23.51
N PRO A 50 -14.10 11.08 23.84
CA PRO A 50 -12.97 11.29 22.93
C PRO A 50 -13.03 10.48 21.65
N VAL A 51 -12.33 11.00 20.65
CA VAL A 51 -12.22 10.34 19.35
C VAL A 51 -11.20 9.22 19.52
N VAL A 52 -11.57 8.02 19.10
CA VAL A 52 -10.68 6.88 19.20
C VAL A 52 -9.83 6.85 17.93
N TYR A 53 -10.46 7.05 16.78
CA TYR A 53 -9.73 7.08 15.51
C TYR A 53 -10.48 7.77 14.40
N GLU A 54 -9.71 8.15 13.37
CA GLU A 54 -10.23 8.82 12.20
C GLU A 54 -9.67 8.10 10.98
N VAL A 55 -10.50 7.97 9.95
CA VAL A 55 -10.12 7.30 8.72
C VAL A 55 -10.27 8.22 7.51
N TYR A 56 -9.28 8.19 6.63
CA TYR A 56 -9.26 8.97 5.40
C TYR A 56 -9.20 7.93 4.28
N ALA A 57 -10.34 7.68 3.64
CA ALA A 57 -10.42 6.67 2.59
C ALA A 57 -10.74 7.14 1.17
N ILE A 58 -10.22 6.41 0.20
CA ILE A 58 -10.45 6.67 -1.21
C ILE A 58 -10.81 5.32 -1.77
N GLU A 59 -12.09 5.15 -2.08
CA GLU A 59 -12.60 3.89 -2.57
C GLU A 59 -13.23 3.97 -3.96
N GLN A 60 -13.13 2.86 -4.68
CA GLN A 60 -13.70 2.76 -6.03
C GLN A 60 -14.98 1.96 -5.90
N GLU A 61 -15.69 1.75 -7.01
CA GLU A 61 -16.91 0.96 -6.95
C GLU A 61 -16.50 -0.47 -6.60
N GLU A 62 -17.32 -1.15 -5.80
CA GLU A 62 -17.02 -2.51 -5.39
C GLU A 62 -17.01 -3.44 -6.60
N LYS A 63 -15.85 -3.51 -7.24
CA LYS A 63 -15.68 -4.33 -8.42
C LYS A 63 -14.45 -5.21 -8.27
N GLU A 64 -14.50 -6.39 -8.88
CA GLU A 64 -13.41 -7.36 -8.82
C GLU A 64 -12.12 -6.81 -9.41
N GLY A 65 -11.01 -7.05 -8.73
CA GLY A 65 -9.72 -6.62 -9.22
C GLY A 65 -9.30 -5.18 -8.94
N ASP A 66 -10.21 -4.35 -8.44
CA ASP A 66 -9.87 -2.95 -8.16
C ASP A 66 -9.36 -2.82 -6.72
N LEU A 67 -8.85 -1.65 -6.38
CA LEU A 67 -8.28 -1.45 -5.05
C LEU A 67 -8.67 -0.17 -4.32
N ASN A 68 -8.87 -0.28 -3.01
CA ASN A 68 -9.19 0.86 -2.17
C ASN A 68 -8.01 1.03 -1.22
N PHE A 69 -7.85 2.22 -0.67
CA PHE A 69 -6.77 2.47 0.28
C PHE A 69 -7.21 3.55 1.26
N ALA A 70 -6.68 3.49 2.46
CA ALA A 70 -7.04 4.48 3.48
C ALA A 70 -6.04 4.51 4.61
N THR A 71 -5.93 5.68 5.24
CA THR A 71 -5.07 5.85 6.38
C THR A 71 -5.95 5.90 7.60
N THR A 72 -5.39 5.54 8.75
CA THR A 72 -6.12 5.61 10.00
C THR A 72 -5.22 6.30 10.99
N VAL A 73 -5.81 7.18 11.78
CA VAL A 73 -5.10 7.87 12.83
C VAL A 73 -5.80 7.36 14.08
N LEU A 74 -5.13 6.43 14.75
CA LEU A 74 -5.65 5.81 15.96
C LEU A 74 -5.02 6.53 17.14
N TYR A 75 -5.84 7.28 17.87
CA TYR A 75 -5.39 8.05 19.01
C TYR A 75 -5.00 7.22 20.23
N PRO A 76 -4.03 7.72 21.01
CA PRO A 76 -3.54 7.04 22.22
C PRO A 76 -4.54 7.15 23.36
N GLY A 77 -4.56 6.13 24.22
CA GLY A 77 -5.48 6.13 25.33
C GLY A 77 -5.85 4.73 25.77
N LYS A 78 -6.66 4.63 26.82
CA LYS A 78 -7.11 3.35 27.34
C LYS A 78 -8.46 3.45 28.04
N VAL A 79 -9.24 2.38 27.95
CA VAL A 79 -10.53 2.29 28.62
C VAL A 79 -10.23 1.29 29.72
N GLY A 80 -10.07 1.77 30.94
CA GLY A 80 -9.71 0.87 32.03
C GLY A 80 -8.22 0.67 31.77
N ASN A 81 -7.82 -0.53 31.38
CA ASN A 81 -6.41 -0.77 31.05
C ASN A 81 -6.33 -1.36 29.64
N GLU A 82 -7.41 -1.24 28.89
CA GLU A 82 -7.49 -1.76 27.52
C GLU A 82 -7.18 -0.64 26.53
N PHE A 83 -6.10 -0.80 25.76
CA PHE A 83 -5.68 0.20 24.77
C PHE A 83 -6.74 0.56 23.73
N PHE A 84 -6.74 1.82 23.30
CA PHE A 84 -7.66 2.31 22.27
C PHE A 84 -7.41 1.40 21.07
N MET A 85 -8.49 1.10 20.33
CA MET A 85 -8.41 0.18 19.21
C MET A 85 -9.53 0.45 18.22
N THR A 86 -9.42 -0.12 17.03
CA THR A 86 -10.45 0.02 16.01
C THR A 86 -11.50 -1.05 16.32
N LYS A 87 -12.70 -0.91 15.74
CA LYS A 87 -13.76 -1.88 15.97
C LYS A 87 -13.33 -3.29 15.55
N GLY A 88 -12.65 -3.39 14.41
CA GLY A 88 -12.21 -4.68 13.93
C GLY A 88 -13.28 -5.33 13.07
N HIS A 89 -12.87 -6.04 12.04
CA HIS A 89 -13.83 -6.69 11.15
C HIS A 89 -13.25 -7.76 10.24
N TYR A 90 -14.15 -8.50 9.62
CA TYR A 90 -13.81 -9.52 8.64
C TYR A 90 -14.19 -8.81 7.35
N HIS A 91 -13.74 -9.29 6.21
CA HIS A 91 -14.14 -8.67 4.96
C HIS A 91 -15.50 -9.30 4.63
N SER A 92 -16.31 -8.60 3.84
CA SER A 92 -17.63 -9.10 3.44
C SER A 92 -17.36 -10.36 2.60
N LYS A 93 -16.53 -10.23 1.58
CA LYS A 93 -16.13 -11.40 0.79
C LYS A 93 -14.92 -11.81 1.64
N ILE A 94 -15.19 -12.66 2.62
CA ILE A 94 -14.19 -13.09 3.60
C ILE A 94 -12.82 -13.58 3.16
N ASP A 95 -12.68 -14.05 1.91
CA ASP A 95 -11.38 -14.53 1.47
C ASP A 95 -10.49 -13.44 0.87
N ARG A 96 -10.87 -12.19 1.10
CA ARG A 96 -10.10 -11.06 0.59
C ARG A 96 -9.00 -10.73 1.59
N ALA A 97 -7.79 -10.46 1.09
CA ALA A 97 -6.68 -10.13 1.98
C ALA A 97 -6.58 -8.62 2.14
N GLU A 98 -5.60 -8.17 2.94
CA GLU A 98 -5.39 -6.74 3.15
C GLU A 98 -3.94 -6.53 3.55
N VAL A 99 -3.42 -5.33 3.27
CA VAL A 99 -2.03 -5.02 3.62
C VAL A 99 -1.95 -3.70 4.36
N TYR A 100 -1.27 -3.72 5.50
CA TYR A 100 -1.09 -2.52 6.32
C TYR A 100 0.37 -2.06 6.27
N PHE A 101 0.57 -0.75 6.32
CA PHE A 101 1.90 -0.17 6.31
C PHE A 101 1.89 0.92 7.38
N ALA A 102 2.55 0.64 8.51
CA ALA A 102 2.62 1.58 9.63
C ALA A 102 3.53 2.75 9.28
N LEU A 103 3.08 3.97 9.61
CA LEU A 103 3.83 5.17 9.29
C LEU A 103 4.28 6.03 10.47
N LYS A 104 3.57 5.95 11.58
CA LYS A 104 3.93 6.75 12.74
C LYS A 104 3.38 6.16 14.02
N GLY A 105 4.15 6.31 15.10
CA GLY A 105 3.70 5.80 16.37
C GLY A 105 4.02 4.33 16.56
N LYS A 106 3.41 3.73 17.57
CA LYS A 106 3.63 2.33 17.88
C LYS A 106 2.32 1.64 18.22
N GLY A 107 2.20 0.40 17.78
CA GLY A 107 0.97 -0.33 18.06
C GLY A 107 1.13 -1.78 17.64
N GLY A 108 0.02 -2.39 17.26
CA GLY A 108 0.04 -3.77 16.84
C GLY A 108 -1.29 -4.13 16.23
N MET A 109 -1.34 -5.29 15.60
CA MET A 109 -2.56 -5.75 14.98
C MET A 109 -2.97 -7.07 15.59
N LEU A 110 -4.25 -7.18 15.92
CA LEU A 110 -4.81 -8.41 16.46
C LEU A 110 -5.60 -9.06 15.35
N LEU A 111 -5.33 -10.33 15.08
CA LEU A 111 -6.05 -11.05 14.04
C LEU A 111 -6.60 -12.35 14.59
N GLN A 112 -7.68 -12.83 14.00
CA GLN A 112 -8.24 -14.11 14.44
C GLN A 112 -9.04 -14.77 13.32
N THR A 113 -9.14 -16.09 13.40
CA THR A 113 -9.87 -16.85 12.41
C THR A 113 -11.31 -16.92 12.85
N PRO A 114 -12.21 -17.32 11.95
CA PRO A 114 -13.62 -17.41 12.32
C PRO A 114 -13.80 -18.27 13.57
N GLU A 115 -12.88 -19.22 13.75
CA GLU A 115 -12.94 -20.12 14.90
C GLU A 115 -12.35 -19.51 16.17
N GLY A 116 -11.72 -18.35 16.06
CA GLY A 116 -11.16 -17.71 17.23
C GLY A 116 -9.65 -17.82 17.47
N GLU A 117 -8.93 -18.50 16.56
CA GLU A 117 -7.48 -18.61 16.73
C GLU A 117 -6.91 -17.22 16.47
N ALA A 118 -6.15 -16.69 17.42
CA ALA A 118 -5.59 -15.35 17.31
C ALA A 118 -4.09 -15.20 17.12
N ARG A 119 -3.71 -14.04 16.60
CA ARG A 119 -2.31 -13.69 16.36
C ARG A 119 -2.16 -12.21 16.66
N PHE A 120 -1.02 -11.83 17.21
CA PHE A 120 -0.76 -10.43 17.48
C PHE A 120 0.60 -10.07 16.88
N ILE A 121 0.60 -9.11 15.96
CA ILE A 121 1.84 -8.66 15.31
C ILE A 121 2.12 -7.20 15.66
N GLU A 122 3.28 -6.96 16.27
CA GLU A 122 3.68 -5.62 16.64
C GLU A 122 3.95 -4.76 15.41
N MET A 123 3.67 -3.47 15.53
CA MET A 123 3.86 -2.56 14.43
C MET A 123 4.56 -1.27 14.85
N GLU A 124 5.52 -0.82 14.06
CA GLU A 124 6.22 0.43 14.32
C GLU A 124 6.41 1.05 12.95
N PRO A 125 6.92 2.29 12.88
CA PRO A 125 7.11 2.88 11.55
C PRO A 125 7.92 1.97 10.65
N GLY A 126 7.39 1.68 9.45
CA GLY A 126 8.11 0.82 8.52
C GLY A 126 7.58 -0.59 8.48
N THR A 127 6.79 -0.99 9.48
CA THR A 127 6.23 -2.35 9.49
C THR A 127 5.12 -2.54 8.45
N ILE A 128 5.20 -3.62 7.69
CA ILE A 128 4.18 -3.96 6.72
C ILE A 128 3.52 -5.23 7.24
N VAL A 129 2.20 -5.24 7.34
CA VAL A 129 1.51 -6.42 7.84
C VAL A 129 0.60 -7.01 6.76
N TYR A 130 0.75 -8.32 6.55
CA TYR A 130 -0.08 -9.03 5.58
C TYR A 130 -1.24 -9.70 6.30
N VAL A 131 -2.46 -9.27 5.99
CA VAL A 131 -3.67 -9.84 6.59
C VAL A 131 -4.18 -10.85 5.57
N PRO A 132 -3.99 -12.15 5.85
CA PRO A 132 -4.43 -13.21 4.94
C PRO A 132 -5.93 -13.34 4.81
N PRO A 133 -6.37 -14.04 3.76
CA PRO A 133 -7.80 -14.24 3.56
C PRO A 133 -8.35 -14.91 4.81
N TYR A 134 -9.63 -14.69 5.10
CA TYR A 134 -10.32 -15.29 6.24
C TYR A 134 -10.05 -14.75 7.63
N TRP A 135 -9.05 -13.89 7.78
CA TRP A 135 -8.75 -13.36 9.12
C TRP A 135 -9.38 -12.02 9.44
N ALA A 136 -9.95 -11.92 10.63
CA ALA A 136 -10.52 -10.66 11.08
C ALA A 136 -9.33 -9.90 11.62
N HIS A 137 -9.40 -8.58 11.64
CA HIS A 137 -8.28 -7.81 12.15
C HIS A 137 -8.71 -6.53 12.83
N ARG A 138 -7.96 -6.19 13.87
CA ARG A 138 -8.18 -5.00 14.67
C ARG A 138 -6.82 -4.39 14.95
N THR A 139 -6.74 -3.07 14.86
CA THR A 139 -5.48 -2.38 15.14
C THR A 139 -5.54 -1.77 16.54
N ILE A 140 -4.41 -1.80 17.25
CA ILE A 140 -4.36 -1.27 18.60
C ILE A 140 -3.21 -0.29 18.77
N ASN A 141 -3.44 0.77 19.53
CA ASN A 141 -2.41 1.78 19.79
C ASN A 141 -1.90 1.48 21.19
N THR A 142 -0.64 1.07 21.27
CA THR A 142 -0.04 0.74 22.55
C THR A 142 0.92 1.83 23.01
N GLY A 143 0.88 2.98 22.35
CA GLY A 143 1.76 4.08 22.70
C GLY A 143 1.10 5.30 23.31
N ASP A 144 1.86 6.37 23.43
CA ASP A 144 1.35 7.61 24.02
C ASP A 144 1.11 8.67 22.94
N LYS A 145 1.46 8.33 21.70
CA LYS A 145 1.28 9.24 20.56
C LYS A 145 0.37 8.57 19.55
N PRO A 146 -0.18 9.35 18.60
CA PRO A 146 -1.07 8.78 17.58
C PRO A 146 -0.36 7.68 16.80
N PHE A 147 -1.10 6.62 16.51
CA PHE A 147 -0.57 5.49 15.76
C PHE A 147 -1.17 5.65 14.36
N ILE A 148 -0.31 5.93 13.39
CA ILE A 148 -0.76 6.17 12.01
C ILE A 148 -0.32 5.08 11.04
N PHE A 149 -1.24 4.64 10.18
CA PHE A 149 -0.94 3.61 9.20
C PHE A 149 -1.77 3.69 7.93
N LEU A 150 -1.25 3.08 6.87
CA LEU A 150 -1.93 3.05 5.60
C LEU A 150 -2.41 1.61 5.37
N ALA A 151 -3.62 1.44 4.85
CA ALA A 151 -4.17 0.12 4.58
C ALA A 151 -4.62 0.05 3.14
N LEU A 152 -4.37 -1.08 2.49
CA LEU A 152 -4.75 -1.29 1.10
C LEU A 152 -5.57 -2.57 1.01
N TYR A 153 -6.74 -2.50 0.39
CA TYR A 153 -7.60 -3.66 0.30
C TYR A 153 -8.42 -3.69 -0.99
N PRO A 154 -8.82 -4.90 -1.42
CA PRO A 154 -9.63 -5.04 -2.63
C PRO A 154 -10.90 -4.21 -2.53
N ALA A 155 -11.27 -3.56 -3.64
CA ALA A 155 -12.46 -2.72 -3.67
C ALA A 155 -13.76 -3.50 -3.45
N ASP A 156 -13.70 -4.83 -3.58
CA ASP A 156 -14.91 -5.64 -3.41
C ASP A 156 -14.86 -6.48 -2.13
N ALA A 157 -13.90 -6.18 -1.26
CA ALA A 157 -13.74 -6.90 0.01
C ALA A 157 -14.92 -6.66 0.95
N GLY A 158 -15.40 -5.43 0.98
CA GLY A 158 -16.51 -5.10 1.85
C GLY A 158 -16.14 -5.17 3.32
N HIS A 159 -17.13 -4.95 4.19
CA HIS A 159 -16.88 -4.99 5.62
C HIS A 159 -17.93 -5.79 6.39
N ASP A 160 -17.47 -6.61 7.33
CA ASP A 160 -18.35 -7.39 8.18
C ASP A 160 -18.02 -7.10 9.65
N TYR A 161 -18.72 -6.13 10.23
CA TYR A 161 -18.54 -5.70 11.62
C TYR A 161 -19.42 -6.44 12.62
N GLY A 162 -20.54 -6.97 12.14
CA GLY A 162 -21.51 -7.67 12.97
C GLY A 162 -21.03 -8.68 13.99
N THR A 163 -20.37 -9.74 13.52
CA THR A 163 -19.86 -10.79 14.37
C THR A 163 -19.04 -10.22 15.53
N ILE A 164 -18.15 -9.28 15.22
CA ILE A 164 -17.29 -8.67 16.23
C ILE A 164 -18.02 -7.74 17.21
N ALA A 165 -18.96 -6.94 16.70
CA ALA A 165 -19.71 -6.04 17.57
C ALA A 165 -20.48 -6.88 18.58
N GLU A 166 -20.82 -8.09 18.15
CA GLU A 166 -21.56 -9.06 18.93
C GLU A 166 -20.70 -9.76 19.98
N LYS A 167 -19.77 -10.59 19.50
CA LYS A 167 -18.91 -11.38 20.37
C LYS A 167 -17.52 -10.83 20.68
N GLY A 168 -17.12 -9.75 20.01
CA GLY A 168 -15.81 -9.18 20.24
C GLY A 168 -14.73 -10.13 19.76
N PHE A 169 -13.48 -9.89 20.14
CA PHE A 169 -12.37 -10.77 19.75
C PHE A 169 -12.12 -11.75 20.89
N SER A 170 -11.46 -12.87 20.58
CA SER A 170 -11.18 -13.87 21.60
C SER A 170 -10.11 -13.39 22.56
N LYS A 171 -9.46 -12.29 22.22
CA LYS A 171 -8.38 -11.74 23.04
C LYS A 171 -8.52 -10.23 23.22
N ILE A 172 -7.88 -9.69 24.27
CA ILE A 172 -7.88 -8.25 24.51
C ILE A 172 -6.43 -7.87 24.70
N VAL A 173 -6.11 -6.61 24.40
CA VAL A 173 -4.75 -6.09 24.51
C VAL A 173 -4.73 -5.02 25.59
N VAL A 174 -4.12 -5.35 26.73
CA VAL A 174 -4.06 -4.44 27.86
C VAL A 174 -2.67 -4.11 28.35
N GLU A 175 -2.59 -3.15 29.27
CA GLU A 175 -1.31 -2.74 29.84
C GLU A 175 -1.23 -3.14 31.31
N GLU A 176 -0.19 -3.90 31.63
CA GLU A 176 0.07 -4.37 32.99
C GLU A 176 1.58 -4.30 33.10
N ASN A 177 2.10 -3.15 33.50
CA ASN A 177 3.55 -2.97 33.59
C ASN A 177 4.14 -3.17 32.19
N GLY A 178 3.27 -3.47 31.21
CA GLY A 178 3.70 -3.69 29.84
C GLY A 178 2.52 -4.13 28.98
N LYS A 179 2.78 -4.36 27.69
CA LYS A 179 1.73 -4.78 26.76
C LYS A 179 1.44 -6.27 26.86
N VAL A 180 0.22 -6.62 27.25
CA VAL A 180 -0.16 -8.02 27.37
C VAL A 180 -1.42 -8.35 26.58
N VAL A 181 -1.39 -9.50 25.91
CA VAL A 181 -2.51 -10.00 25.12
C VAL A 181 -3.12 -11.16 25.90
N VAL A 182 -4.28 -10.94 26.50
CA VAL A 182 -4.94 -11.97 27.29
C VAL A 182 -6.29 -12.36 26.71
N LYS A 183 -6.82 -13.50 27.16
CA LYS A 183 -8.11 -13.98 26.69
C LYS A 183 -9.23 -12.97 27.01
N ASP A 184 -10.25 -12.94 26.14
CA ASP A 184 -11.37 -12.04 26.33
C ASP A 184 -12.44 -12.79 27.14
N ASN A 185 -12.64 -12.35 28.38
CA ASN A 185 -13.60 -12.95 29.29
C ASN A 185 -15.02 -13.08 28.72
N PRO A 186 -15.52 -12.02 28.06
CA PRO A 186 -16.88 -12.06 27.47
C PRO A 186 -16.91 -12.68 26.09
N LYS A 187 -15.80 -13.25 25.66
CA LYS A 187 -15.74 -13.89 24.34
C LYS A 187 -16.37 -15.28 24.38
N TYR B 3 -5.87 -22.05 6.74
CA TYR B 3 -5.60 -20.58 6.86
C TYR B 3 -4.12 -20.26 6.75
N LYS B 4 -3.77 -19.31 5.89
CA LYS B 4 -2.37 -18.91 5.76
C LYS B 4 -2.04 -18.06 6.99
N GLU B 5 -0.76 -18.01 7.34
CA GLU B 5 -0.31 -17.23 8.50
C GLU B 5 -0.08 -15.75 8.24
N PRO B 6 -0.61 -14.89 9.12
CA PRO B 6 -0.36 -13.47 8.88
C PRO B 6 1.10 -13.25 9.25
N PHE B 7 1.68 -12.14 8.81
CA PHE B 7 3.08 -11.86 9.14
C PHE B 7 3.38 -10.39 8.99
N GLY B 8 4.47 -9.96 9.62
CA GLY B 8 4.91 -8.59 9.53
C GLY B 8 6.33 -8.60 9.00
N VAL B 9 6.70 -7.57 8.25
CA VAL B 9 8.04 -7.43 7.71
C VAL B 9 8.43 -5.95 7.78
N LYS B 10 9.70 -5.69 8.06
CA LYS B 10 10.17 -4.31 8.16
C LYS B 10 10.64 -3.73 6.83
N LEU B 11 10.17 -2.52 6.53
CA LEU B 11 10.58 -1.80 5.32
C LEU B 11 11.50 -0.69 5.81
N ASP B 12 12.69 -0.61 5.23
CA ASP B 12 13.66 0.42 5.61
C ASP B 12 13.40 1.63 4.72
N PHE B 13 12.86 2.70 5.30
CA PHE B 13 12.54 3.92 4.56
C PHE B 13 13.73 4.56 3.85
N GLU B 14 14.95 4.27 4.31
CA GLU B 14 16.15 4.84 3.72
C GLU B 14 16.70 4.04 2.54
N THR B 15 16.71 2.73 2.67
CA THR B 15 17.23 1.86 1.60
C THR B 15 16.16 1.31 0.67
N GLY B 16 14.92 1.30 1.15
CA GLY B 16 13.82 0.79 0.34
C GLY B 16 13.75 -0.73 0.41
N ILE B 17 14.65 -1.33 1.18
CA ILE B 17 14.69 -2.79 1.31
C ILE B 17 13.64 -3.39 2.24
N ILE B 18 12.91 -4.38 1.74
CA ILE B 18 11.92 -5.07 2.55
C ILE B 18 12.53 -6.36 3.09
N GLU B 19 12.45 -6.52 4.40
CA GLU B 19 12.96 -7.68 5.10
C GLU B 19 12.31 -8.97 4.57
N ASN B 20 13.12 -10.00 4.36
CA ASN B 20 12.64 -11.29 3.88
C ASN B 20 12.03 -11.28 2.47
N ALA B 21 12.23 -10.21 1.72
CA ALA B 21 11.66 -10.12 0.38
C ALA B 21 12.54 -10.82 -0.66
N LYS B 22 11.96 -11.09 -1.83
CA LYS B 22 12.65 -11.72 -2.94
C LYS B 22 13.25 -10.60 -3.79
N LYS B 23 14.57 -10.53 -3.85
CA LYS B 23 15.24 -9.48 -4.60
C LYS B 23 15.48 -9.80 -6.07
N SER B 24 15.13 -8.86 -6.94
CA SER B 24 15.35 -9.01 -8.36
C SER B 24 16.15 -7.80 -8.83
N VAL B 25 17.01 -8.02 -9.83
CA VAL B 25 17.85 -6.94 -10.36
C VAL B 25 17.74 -6.80 -11.87
N ARG B 26 17.62 -5.56 -12.33
CA ARG B 26 17.54 -5.30 -13.75
C ARG B 26 18.57 -4.26 -14.18
N ARG B 27 19.47 -4.66 -15.07
CA ARG B 27 20.52 -3.78 -15.59
C ARG B 27 20.13 -3.34 -16.99
N LEU B 28 20.94 -2.48 -17.58
CA LEU B 28 20.67 -1.99 -18.94
C LEU B 28 20.60 -3.13 -19.95
N SER B 29 21.48 -4.11 -19.78
CA SER B 29 21.51 -5.26 -20.68
C SER B 29 20.19 -6.02 -20.68
N ASP B 30 19.36 -5.75 -19.68
CA ASP B 30 18.06 -6.41 -19.58
C ASP B 30 16.94 -5.57 -20.17
N MET B 31 17.30 -4.42 -20.73
CA MET B 31 16.30 -3.54 -21.32
C MET B 31 16.55 -3.15 -22.78
N LYS B 32 17.01 -4.10 -23.59
CA LYS B 32 17.26 -3.80 -24.99
C LYS B 32 15.94 -3.56 -25.72
N GLY B 33 15.92 -2.53 -26.57
CA GLY B 33 14.71 -2.21 -27.31
C GLY B 33 13.70 -1.38 -26.53
N TYR B 34 14.14 -0.79 -25.43
CA TYR B 34 13.25 0.04 -24.62
C TYR B 34 13.55 1.52 -24.77
N PHE B 35 14.82 1.88 -24.68
CA PHE B 35 15.24 3.27 -24.81
C PHE B 35 15.38 3.71 -26.26
N ILE B 36 15.01 4.95 -26.54
CA ILE B 36 15.06 5.51 -27.88
C ILE B 36 16.49 5.52 -28.45
N ASP B 37 17.43 6.08 -27.70
CA ASP B 37 18.82 6.17 -28.13
C ASP B 37 19.51 4.81 -28.04
N GLU B 38 19.38 4.01 -29.09
CA GLU B 38 19.98 2.68 -29.12
C GLU B 38 21.50 2.75 -29.05
N GLU B 39 22.08 3.83 -29.55
CA GLU B 39 23.53 4.01 -29.53
C GLU B 39 24.03 4.21 -28.12
N ALA B 40 23.59 5.29 -27.49
CA ALA B 40 23.99 5.60 -26.12
C ALA B 40 23.78 4.38 -25.25
N TRP B 41 22.71 3.63 -25.54
CA TRP B 41 22.39 2.41 -24.80
C TRP B 41 23.53 1.41 -24.93
N LYS B 42 23.81 1.01 -26.15
CA LYS B 42 24.87 0.06 -26.45
C LYS B 42 26.18 0.47 -25.79
N LYS B 43 26.45 1.77 -25.78
CA LYS B 43 27.68 2.28 -25.18
C LYS B 43 27.72 2.00 -23.68
N MET B 44 26.75 2.55 -22.95
CA MET B 44 26.65 2.37 -21.51
C MET B 44 26.77 0.90 -21.09
N VAL B 45 26.18 0.01 -21.88
CA VAL B 45 26.24 -1.42 -21.58
C VAL B 45 27.70 -1.87 -21.54
N GLU B 46 28.43 -1.62 -22.62
CA GLU B 46 29.83 -2.00 -22.68
C GLU B 46 30.63 -1.19 -21.69
N GLU B 47 30.12 -0.01 -21.36
CA GLU B 47 30.79 0.87 -20.40
C GLU B 47 30.72 0.32 -18.98
N GLY B 48 29.74 -0.53 -18.71
CA GLY B 48 29.62 -1.11 -17.39
C GLY B 48 28.29 -1.80 -17.10
N ASP B 49 27.32 -1.62 -17.99
CA ASP B 49 26.00 -2.23 -17.83
C ASP B 49 25.51 -1.95 -16.41
N PRO B 50 25.28 -0.68 -16.08
CA PRO B 50 24.82 -0.28 -14.75
C PRO B 50 23.42 -0.77 -14.39
N VAL B 51 23.18 -0.95 -13.09
CA VAL B 51 21.90 -1.39 -12.59
C VAL B 51 20.89 -0.26 -12.74
N VAL B 52 19.74 -0.55 -13.34
CA VAL B 52 18.71 0.46 -13.52
C VAL B 52 17.81 0.48 -12.29
N TYR B 53 17.30 -0.70 -11.91
CA TYR B 53 16.46 -0.79 -10.73
C TYR B 53 16.49 -2.17 -10.09
N GLU B 54 16.06 -2.20 -8.83
CA GLU B 54 16.01 -3.43 -8.07
C GLU B 54 14.65 -3.50 -7.38
N VAL B 55 14.11 -4.71 -7.30
CA VAL B 55 12.80 -4.93 -6.70
C VAL B 55 12.90 -5.90 -5.51
N TYR B 56 12.14 -5.61 -4.47
CA TYR B 56 12.08 -6.45 -3.27
C TYR B 56 10.61 -6.82 -3.17
N ALA B 57 10.28 -8.05 -3.55
CA ALA B 57 8.90 -8.50 -3.55
C ALA B 57 8.53 -9.66 -2.65
N ILE B 58 7.29 -9.61 -2.18
CA ILE B 58 6.69 -10.63 -1.34
C ILE B 58 5.36 -10.86 -2.03
N GLU B 59 5.26 -11.99 -2.72
CA GLU B 59 4.06 -12.32 -3.48
C GLU B 59 3.38 -13.59 -2.99
N GLN B 60 2.06 -13.65 -3.19
CA GLN B 60 1.29 -14.81 -2.78
C GLN B 60 1.02 -15.61 -4.05
N GLU B 61 0.38 -16.76 -3.89
CA GLU B 61 0.06 -17.56 -5.05
C GLU B 61 -1.05 -16.81 -5.79
N GLU B 62 -1.07 -16.97 -7.11
CA GLU B 62 -2.06 -16.32 -7.95
C GLU B 62 -3.47 -16.68 -7.49
N LYS B 63 -4.12 -15.76 -6.79
CA LYS B 63 -5.46 -16.00 -6.30
C LYS B 63 -6.29 -14.72 -6.25
N GLU B 64 -7.56 -14.86 -6.60
CA GLU B 64 -8.52 -13.76 -6.61
C GLU B 64 -8.77 -13.26 -5.19
N GLY B 65 -8.67 -11.95 -5.00
CA GLY B 65 -8.89 -11.39 -3.68
C GLY B 65 -7.65 -11.28 -2.82
N ASP B 66 -6.54 -11.89 -3.25
CA ASP B 66 -5.30 -11.84 -2.46
C ASP B 66 -4.41 -10.68 -2.95
N LEU B 67 -3.33 -10.40 -2.23
CA LEU B 67 -2.46 -9.27 -2.60
C LEU B 67 -0.95 -9.49 -2.51
N ASN B 68 -0.23 -8.82 -3.40
CA ASN B 68 1.23 -8.86 -3.44
C ASN B 68 1.72 -7.42 -3.24
N PHE B 69 2.94 -7.27 -2.79
CA PHE B 69 3.51 -5.93 -2.61
C PHE B 69 5.02 -6.00 -2.83
N ALA B 70 5.61 -4.86 -3.15
CA ALA B 70 7.03 -4.81 -3.41
C ALA B 70 7.55 -3.39 -3.49
N THR B 71 8.80 -3.20 -3.08
CA THR B 71 9.41 -1.89 -3.18
C THR B 71 10.31 -1.94 -4.39
N THR B 72 10.48 -0.79 -5.02
CA THR B 72 11.37 -0.68 -6.16
C THR B 72 12.33 0.45 -5.87
N VAL B 73 13.59 0.21 -6.19
CA VAL B 73 14.62 1.21 -6.02
C VAL B 73 15.12 1.48 -7.44
N LEU B 74 14.60 2.56 -8.02
CA LEU B 74 14.96 2.95 -9.38
C LEU B 74 16.10 3.96 -9.31
N TYR B 75 17.27 3.52 -9.74
CA TYR B 75 18.47 4.34 -9.71
C TYR B 75 18.50 5.50 -10.69
N PRO B 76 19.17 6.60 -10.30
CA PRO B 76 19.28 7.82 -11.12
C PRO B 76 20.15 7.59 -12.35
N GLY B 77 19.79 8.22 -13.47
CA GLY B 77 20.55 8.07 -14.69
C GLY B 77 19.77 8.39 -15.94
N LYS B 78 20.44 8.36 -17.08
CA LYS B 78 19.78 8.63 -18.36
C LYS B 78 20.47 7.89 -19.52
N VAL B 79 19.67 7.42 -20.47
CA VAL B 79 20.19 6.75 -21.65
C VAL B 79 20.06 7.85 -22.69
N GLY B 80 21.17 8.50 -23.00
CA GLY B 80 21.11 9.62 -23.93
C GLY B 80 20.60 10.75 -23.07
N ASN B 81 19.34 11.13 -23.27
CA ASN B 81 18.74 12.17 -22.44
C ASN B 81 17.41 11.65 -21.89
N GLU B 82 17.25 10.33 -21.96
CA GLU B 82 16.06 9.64 -21.48
C GLU B 82 16.33 9.07 -20.09
N PHE B 83 15.52 9.48 -19.12
CA PHE B 83 15.65 9.05 -17.73
C PHE B 83 15.52 7.54 -17.51
N PHE B 84 16.27 7.04 -16.53
CA PHE B 84 16.21 5.62 -16.17
C PHE B 84 14.74 5.33 -15.84
N MET B 85 14.29 4.13 -16.18
CA MET B 85 12.90 3.77 -15.99
C MET B 85 12.73 2.25 -15.89
N THR B 86 11.52 1.82 -15.48
CA THR B 86 11.23 0.41 -15.40
C THR B 86 10.69 -0.01 -16.76
N LYS B 87 10.66 -1.30 -17.05
CA LYS B 87 10.17 -1.77 -18.35
C LYS B 87 8.73 -1.35 -18.64
N GLY B 88 7.87 -1.43 -17.62
CA GLY B 88 6.47 -1.07 -17.81
C GLY B 88 5.67 -2.29 -18.25
N HIS B 89 4.42 -2.38 -17.83
CA HIS B 89 3.61 -3.54 -18.19
C HIS B 89 2.12 -3.39 -17.90
N TYR B 90 1.34 -4.24 -18.56
CA TYR B 90 -0.09 -4.31 -18.33
C TYR B 90 -0.23 -5.54 -17.43
N HIS B 91 -1.42 -5.78 -16.91
CA HIS B 91 -1.65 -6.96 -16.07
C HIS B 91 -2.21 -8.04 -16.99
N SER B 92 -1.82 -9.29 -16.75
CA SER B 92 -2.33 -10.40 -17.55
C SER B 92 -3.85 -10.27 -17.51
N LYS B 93 -4.36 -10.07 -16.30
CA LYS B 93 -5.78 -9.84 -16.09
C LYS B 93 -5.82 -8.31 -16.09
N ILE B 94 -5.67 -7.75 -17.29
CA ILE B 94 -5.64 -6.31 -17.54
C ILE B 94 -6.64 -5.53 -16.70
N ASP B 95 -7.66 -6.25 -16.23
CA ASP B 95 -8.73 -5.70 -15.41
C ASP B 95 -8.26 -5.23 -14.02
N ARG B 96 -7.10 -5.71 -13.59
CA ARG B 96 -6.56 -5.39 -12.27
C ARG B 96 -5.94 -4.01 -12.09
N ALA B 97 -6.23 -3.39 -10.96
CA ALA B 97 -5.70 -2.06 -10.63
C ALA B 97 -4.44 -2.22 -9.80
N GLU B 98 -3.81 -1.10 -9.45
CA GLU B 98 -2.60 -1.13 -8.63
C GLU B 98 -2.41 0.21 -7.90
N VAL B 99 -1.73 0.17 -6.76
CA VAL B 99 -1.49 1.38 -6.00
C VAL B 99 -0.02 1.51 -5.64
N TYR B 100 0.53 2.69 -5.89
CA TYR B 100 1.94 2.98 -5.61
C TYR B 100 2.03 4.05 -4.54
N PHE B 101 3.06 3.97 -3.70
CA PHE B 101 3.26 4.93 -2.63
C PHE B 101 4.74 5.31 -2.65
N ALA B 102 5.01 6.53 -3.11
CA ALA B 102 6.38 7.04 -3.21
C ALA B 102 6.95 7.22 -1.82
N LEU B 103 8.17 6.72 -1.62
CA LEU B 103 8.82 6.81 -0.32
C LEU B 103 10.08 7.67 -0.27
N LYS B 104 10.85 7.71 -1.34
CA LYS B 104 12.06 8.51 -1.34
C LYS B 104 12.44 8.96 -2.75
N GLY B 105 13.11 10.10 -2.84
CA GLY B 105 13.52 10.63 -4.14
C GLY B 105 12.37 11.22 -4.92
N LYS B 106 12.56 11.37 -6.23
CA LYS B 106 11.51 11.93 -7.07
C LYS B 106 11.47 11.38 -8.48
N GLY B 107 10.25 11.24 -8.99
CA GLY B 107 10.08 10.72 -10.33
C GLY B 107 8.65 10.92 -10.78
N GLY B 108 8.16 9.99 -11.57
CA GLY B 108 6.80 10.09 -12.05
C GLY B 108 6.40 8.78 -12.68
N MET B 109 5.11 8.58 -12.88
CA MET B 109 4.64 7.37 -13.51
C MET B 109 3.97 7.72 -14.81
N LEU B 110 4.28 6.95 -15.85
CA LEU B 110 3.69 7.14 -17.16
C LEU B 110 2.68 6.01 -17.34
N LEU B 111 1.43 6.37 -17.62
CA LEU B 111 0.38 5.36 -17.80
C LEU B 111 -0.22 5.46 -19.20
N GLN B 112 -0.72 4.33 -19.69
CA GLN B 112 -1.31 4.29 -21.02
C GLN B 112 -2.41 3.25 -21.11
N THR B 113 -3.47 3.56 -21.86
CA THR B 113 -4.59 2.62 -22.02
C THR B 113 -4.47 1.92 -23.36
N PRO B 114 -5.29 0.89 -23.60
CA PRO B 114 -5.26 0.16 -24.86
C PRO B 114 -5.83 1.05 -25.97
N GLU B 115 -6.65 2.01 -25.56
CA GLU B 115 -7.28 2.96 -26.48
C GLU B 115 -6.16 3.85 -27.05
N GLY B 116 -5.16 4.14 -26.22
CA GLY B 116 -4.05 4.97 -26.64
C GLY B 116 -3.78 6.19 -25.76
N GLU B 117 -4.64 6.43 -24.78
CA GLU B 117 -4.50 7.57 -23.87
C GLU B 117 -3.22 7.45 -23.04
N ALA B 118 -2.53 8.57 -22.86
CA ALA B 118 -1.30 8.59 -22.09
C ALA B 118 -1.34 9.67 -21.00
N ARG B 119 -0.91 9.31 -19.80
CA ARG B 119 -0.91 10.22 -18.65
C ARG B 119 0.41 10.12 -17.88
N PHE B 120 0.90 11.26 -17.38
CA PHE B 120 2.12 11.27 -16.59
C PHE B 120 1.82 11.92 -15.24
N ILE B 121 2.06 11.16 -14.17
CA ILE B 121 1.79 11.65 -12.83
C ILE B 121 3.09 11.80 -12.05
N GLU B 122 3.38 13.01 -11.59
CA GLU B 122 4.60 13.27 -10.83
C GLU B 122 4.50 12.66 -9.45
N MET B 123 5.63 12.17 -8.95
CA MET B 123 5.67 11.53 -7.64
C MET B 123 6.82 12.02 -6.78
N GLU B 124 6.49 12.29 -5.53
CA GLU B 124 7.45 12.73 -4.54
C GLU B 124 7.06 11.97 -3.28
N PRO B 125 7.95 11.92 -2.28
CA PRO B 125 7.60 11.19 -1.06
C PRO B 125 6.23 11.61 -0.53
N GLY B 126 5.41 10.62 -0.21
CA GLY B 126 4.07 10.90 0.29
C GLY B 126 3.02 10.76 -0.79
N THR B 127 3.45 10.79 -2.05
CA THR B 127 2.52 10.67 -3.18
C THR B 127 1.98 9.26 -3.36
N ILE B 128 0.65 9.15 -3.39
CA ILE B 128 -0.02 7.87 -3.61
C ILE B 128 -0.59 7.93 -5.02
N VAL B 129 -0.22 6.97 -5.86
CA VAL B 129 -0.72 6.94 -7.23
C VAL B 129 -1.67 5.78 -7.45
N TYR B 130 -2.86 6.11 -7.93
CA TYR B 130 -3.87 5.10 -8.20
C TYR B 130 -3.80 4.70 -9.67
N VAL B 131 -3.42 3.46 -9.94
CA VAL B 131 -3.33 2.94 -11.31
C VAL B 131 -4.63 2.17 -11.57
N PRO B 132 -5.54 2.75 -12.36
CA PRO B 132 -6.82 2.10 -12.67
C PRO B 132 -6.73 0.84 -13.53
N PRO B 133 -7.82 0.08 -13.57
CA PRO B 133 -7.89 -1.16 -14.37
C PRO B 133 -7.64 -0.81 -15.84
N TYR B 134 -6.93 -1.69 -16.55
CA TYR B 134 -6.64 -1.54 -17.97
C TYR B 134 -5.47 -0.63 -18.34
N TRP B 135 -4.95 0.12 -17.37
CA TRP B 135 -3.85 1.01 -17.68
C TRP B 135 -2.47 0.38 -17.51
N ALA B 136 -1.65 0.49 -18.54
CA ALA B 136 -0.29 -0.01 -18.47
C ALA B 136 0.41 1.09 -17.68
N HIS B 137 1.53 0.78 -17.04
CA HIS B 137 2.22 1.79 -16.26
C HIS B 137 3.70 1.52 -16.16
N ARG B 138 4.48 2.60 -16.19
CA ARG B 138 5.93 2.54 -16.09
C ARG B 138 6.40 3.64 -15.14
N THR B 139 7.45 3.38 -14.37
CA THR B 139 7.98 4.37 -13.45
C THR B 139 9.29 4.98 -13.93
N ILE B 140 9.44 6.29 -13.75
CA ILE B 140 10.62 7.03 -14.20
C ILE B 140 11.30 7.81 -13.07
N ASN B 141 12.63 7.81 -13.06
CA ASN B 141 13.39 8.56 -12.04
C ASN B 141 13.85 9.87 -12.69
N THR B 142 13.29 10.98 -12.27
CA THR B 142 13.67 12.27 -12.85
C THR B 142 14.69 13.02 -12.00
N GLY B 143 15.18 12.38 -10.94
CA GLY B 143 16.15 13.03 -10.07
C GLY B 143 17.56 12.47 -10.15
N ASP B 144 18.45 12.97 -9.30
CA ASP B 144 19.83 12.51 -9.29
C ASP B 144 20.09 11.55 -8.12
N LYS B 145 19.03 11.20 -7.41
CA LYS B 145 19.13 10.28 -6.27
C LYS B 145 18.16 9.14 -6.52
N PRO B 146 18.34 8.01 -5.83
CA PRO B 146 17.44 6.88 -6.03
C PRO B 146 15.97 7.25 -5.80
N PHE B 147 15.09 6.70 -6.63
CA PHE B 147 13.66 6.93 -6.51
C PHE B 147 13.07 5.66 -5.92
N ILE B 148 12.58 5.74 -4.68
CA ILE B 148 12.03 4.58 -3.99
C ILE B 148 10.53 4.65 -3.78
N PHE B 149 9.85 3.54 -4.08
CA PHE B 149 8.41 3.46 -3.94
C PHE B 149 7.94 2.04 -3.65
N LEU B 150 6.81 1.95 -2.96
CA LEU B 150 6.18 0.69 -2.61
C LEU B 150 5.00 0.52 -3.56
N ALA B 151 4.80 -0.70 -4.05
CA ALA B 151 3.70 -0.98 -4.95
C ALA B 151 2.89 -2.14 -4.40
N LEU B 152 1.57 -2.03 -4.46
CA LEU B 152 0.68 -3.07 -3.98
C LEU B 152 -0.27 -3.43 -5.12
N TYR B 153 -0.45 -4.74 -5.36
CA TYR B 153 -1.29 -5.19 -6.47
C TYR B 153 -1.95 -6.55 -6.26
N PRO B 154 -3.08 -6.79 -6.95
CA PRO B 154 -3.78 -8.08 -6.81
C PRO B 154 -2.86 -9.23 -7.15
N ALA B 155 -2.89 -10.27 -6.31
CA ALA B 155 -2.05 -11.46 -6.48
C ALA B 155 -2.32 -12.21 -7.79
N ASP B 156 -3.49 -11.98 -8.38
CA ASP B 156 -3.87 -12.65 -9.60
C ASP B 156 -3.82 -11.70 -10.80
N ALA B 157 -3.22 -10.52 -10.62
CA ALA B 157 -3.13 -9.55 -11.69
C ALA B 157 -2.25 -10.03 -12.84
N GLY B 158 -1.15 -10.69 -12.51
CA GLY B 158 -0.25 -11.20 -13.53
C GLY B 158 0.55 -10.09 -14.20
N HIS B 159 1.47 -10.47 -15.08
CA HIS B 159 2.32 -9.49 -15.76
C HIS B 159 2.31 -9.68 -17.28
N ASP B 160 2.10 -8.57 -18.00
CA ASP B 160 2.09 -8.60 -19.45
C ASP B 160 3.09 -7.57 -19.99
N TYR B 161 4.32 -8.02 -20.25
CA TYR B 161 5.36 -7.14 -20.76
C TYR B 161 5.41 -7.12 -22.28
N GLY B 162 5.13 -8.26 -22.90
CA GLY B 162 5.18 -8.39 -24.35
C GLY B 162 4.70 -7.20 -25.16
N THR B 163 3.43 -6.85 -25.01
CA THR B 163 2.84 -5.72 -25.72
C THR B 163 3.71 -4.47 -25.68
N ILE B 164 4.21 -4.14 -24.49
CA ILE B 164 5.06 -2.96 -24.30
C ILE B 164 6.41 -3.11 -24.99
N ALA B 165 7.04 -4.27 -24.83
CA ALA B 165 8.34 -4.54 -25.44
C ALA B 165 8.20 -4.44 -26.95
N GLU B 166 7.00 -4.77 -27.44
CA GLU B 166 6.69 -4.72 -28.87
C GLU B 166 6.35 -3.30 -29.32
N LYS B 167 5.15 -2.85 -28.95
CA LYS B 167 4.66 -1.52 -29.31
C LYS B 167 5.40 -0.37 -28.61
N GLY B 168 5.46 -0.44 -27.29
CA GLY B 168 6.11 0.61 -26.52
C GLY B 168 5.09 1.66 -26.10
N PHE B 169 5.49 2.56 -25.22
CA PHE B 169 4.60 3.61 -24.75
C PHE B 169 4.54 4.74 -25.79
N SER B 170 3.40 5.41 -25.88
CA SER B 170 3.23 6.50 -26.84
C SER B 170 4.02 7.75 -26.47
N LYS B 171 4.74 7.69 -25.35
CA LYS B 171 5.53 8.84 -24.89
C LYS B 171 6.88 8.42 -24.33
N ILE B 172 7.78 9.39 -24.24
CA ILE B 172 9.10 9.19 -23.65
C ILE B 172 9.32 10.35 -22.69
N VAL B 173 10.05 10.11 -21.62
CA VAL B 173 10.31 11.15 -20.61
C VAL B 173 11.78 11.53 -20.67
N VAL B 174 12.05 12.73 -21.18
CA VAL B 174 13.42 13.17 -21.34
C VAL B 174 13.78 14.49 -20.67
N GLU B 175 15.09 14.70 -20.58
CA GLU B 175 15.66 15.89 -19.99
C GLU B 175 16.07 16.88 -21.08
N GLU B 176 15.51 18.09 -20.99
CA GLU B 176 15.78 19.19 -21.90
C GLU B 176 15.75 20.38 -20.95
N ASN B 177 16.81 20.53 -20.17
CA ASN B 177 16.92 21.57 -19.16
C ASN B 177 16.01 21.07 -18.03
N GLY B 178 14.75 20.85 -18.38
CA GLY B 178 13.76 20.37 -17.44
C GLY B 178 13.18 19.05 -17.92
N LYS B 179 12.24 18.51 -17.15
CA LYS B 179 11.61 17.24 -17.50
C LYS B 179 10.55 17.45 -18.58
N VAL B 180 10.74 16.79 -19.73
CA VAL B 180 9.82 16.92 -20.85
C VAL B 180 9.16 15.60 -21.28
N VAL B 181 7.84 15.61 -21.35
CA VAL B 181 7.10 14.43 -21.77
C VAL B 181 6.69 14.66 -23.22
N VAL B 182 7.33 13.95 -24.14
CA VAL B 182 7.03 14.10 -25.56
C VAL B 182 6.70 12.77 -26.22
N LYS B 183 6.19 12.83 -27.45
CA LYS B 183 5.81 11.63 -28.19
C LYS B 183 7.01 10.71 -28.47
N ASP B 184 6.73 9.41 -28.56
CA ASP B 184 7.75 8.41 -28.83
C ASP B 184 7.72 8.01 -30.31
N ASN B 185 8.80 8.32 -31.01
CA ASN B 185 8.91 8.03 -32.44
C ASN B 185 8.54 6.61 -32.90
N PRO B 186 9.17 5.58 -32.32
CA PRO B 186 8.85 4.20 -32.72
C PRO B 186 7.61 3.55 -32.08
N LYS B 187 6.73 4.36 -31.52
CA LYS B 187 5.52 3.83 -30.90
C LYS B 187 4.65 3.14 -31.95
#